data_2CL5
#
_entry.id   2CL5
#
_cell.length_a   52.767
_cell.length_b   79.627
_cell.length_c   61.540
_cell.angle_alpha   90.00
_cell.angle_beta   91.14
_cell.angle_gamma   90.00
#
_symmetry.space_group_name_H-M   'P 1 21 1'
#
loop_
_entity.id
_entity.type
_entity.pdbx_description
1 polymer 'CATECHOL O-METHYLTRANSFERASE'
2 non-polymer 'MAGNESIUM ION'
3 non-polymer S-ADENOSYLMETHIONINE
4 non-polymer (3,4-DIHYDROXY-2-NITROPHENYL)(PHENYL)METHANONE
5 non-polymer (R,R)-2,3-BUTANEDIOL
6 non-polymer '2-(N-MORPHOLINO)-ETHANESULFONIC ACID'
7 water water
#
_entity_poly.entity_id   1
_entity_poly.type   'polypeptide(L)'
_entity_poly.pdbx_seq_one_letter_code
;MGDTKEQRILRYVQQNAKPGDPQSVLEAIDTYCTQKEWAMNVGDAKGQIMDAVIREYSPSLVLELGAYCGYSAVRMARLL
QPGARLLTMEMNPDYAAITQQMLNFAGLQDKVTILNGASQDLIPQLKKKYDVDTLDMVFLDHWKDRYLPDTLLLEKCGLL
RKGTVLLADNVIVPGTPDFLAYVRGSSSFECTHYSSYLEYMKVVDGLEKAIYQGPSSPDKS
;
_entity_poly.pdbx_strand_id   A,B
#
loop_
_chem_comp.id
_chem_comp.type
_chem_comp.name
_chem_comp.formula
BIE non-polymer (3,4-DIHYDROXY-2-NITROPHENYL)(PHENYL)METHANONE 'C13 H9 N O5'
BU3 non-polymer (R,R)-2,3-BUTANEDIOL 'C4 H10 O2'
MES non-polymer '2-(N-MORPHOLINO)-ETHANESULFONIC ACID' 'C6 H13 N O4 S'
MG non-polymer 'MAGNESIUM ION' 'Mg 2'
SAM non-polymer S-ADENOSYLMETHIONINE 'C15 H22 N6 O5 S'
#
# COMPACT_ATOMS: atom_id res chain seq x y z
N GLY A 2 -4.34 -12.50 13.95
CA GLY A 2 -2.88 -12.42 13.65
C GLY A 2 -2.39 -10.99 13.76
N ASP A 3 -1.12 -10.84 14.09
CA ASP A 3 -0.52 -9.55 14.37
C ASP A 3 -0.27 -8.81 13.07
N THR A 4 -0.40 -7.50 13.15
CA THR A 4 -0.25 -6.61 12.00
C THR A 4 0.61 -5.40 12.37
N LYS A 5 1.06 -4.71 11.33
CA LYS A 5 1.81 -3.47 11.51
C LYS A 5 1.06 -2.47 12.36
N GLU A 6 -0.25 -2.36 12.10
CA GLU A 6 -1.04 -1.32 12.75
C GLU A 6 -1.20 -1.63 14.26
N GLN A 7 -1.34 -2.91 14.57
CA GLN A 7 -1.38 -3.34 15.96
C GLN A 7 -0.06 -3.07 16.64
N ARG A 8 1.05 -3.33 15.94
CA ARG A 8 2.38 -3.06 16.51
C ARG A 8 2.58 -1.59 16.83
N ILE A 9 2.10 -0.72 15.95
CA ILE A 9 2.21 0.72 16.17
C ILE A 9 1.41 1.12 17.40
N LEU A 10 0.16 0.67 17.46
CA LEU A 10 -0.69 0.98 18.60
C LEU A 10 -0.11 0.46 19.93
N ARG A 11 0.35 -0.77 19.92
CA ARG A 11 0.97 -1.33 21.15
C ARG A 11 2.21 -0.52 21.55
N TYR A 12 3.01 -0.08 20.58
CA TYR A 12 4.17 0.73 20.90
C TYR A 12 3.77 2.05 21.59
N VAL A 13 2.74 2.68 21.06
CA VAL A 13 2.21 3.90 21.63
C VAL A 13 1.70 3.60 23.07
N GLN A 14 0.89 2.57 23.22
CA GLN A 14 0.36 2.24 24.57
C GLN A 14 1.45 1.91 25.57
N GLN A 15 2.57 1.40 25.09
CA GLN A 15 3.69 1.02 25.94
C GLN A 15 4.54 2.21 26.34
N ASN A 16 4.73 3.16 25.42
CA ASN A 16 5.74 4.20 25.57
C ASN A 16 5.25 5.65 25.69
N ALA A 17 4.10 5.98 25.12
CA ALA A 17 3.62 7.34 25.14
C ALA A 17 2.88 7.62 26.45
N LYS A 18 2.70 8.89 26.73
CA LYS A 18 2.01 9.31 27.96
C LYS A 18 0.53 9.43 27.67
N PRO A 19 -0.33 8.71 28.39
CA PRO A 19 -1.78 8.86 28.18
C PRO A 19 -2.24 10.31 28.30
N GLY A 20 -3.11 10.72 27.37
CA GLY A 20 -3.65 12.07 27.30
C GLY A 20 -2.74 13.18 26.75
N ASP A 21 -1.59 12.79 26.21
CA ASP A 21 -0.59 13.75 25.74
C ASP A 21 -0.39 13.51 24.22
N PRO A 22 -1.12 14.26 23.38
CA PRO A 22 -1.01 14.08 21.93
C PRO A 22 0.39 14.17 21.38
N GLN A 23 1.19 15.11 21.85
CA GLN A 23 2.55 15.23 21.30
C GLN A 23 3.37 13.99 21.59
N SER A 24 3.20 13.42 22.77
CA SER A 24 3.91 12.19 23.13
C SER A 24 3.48 11.03 22.23
N VAL A 25 2.20 10.98 21.87
CA VAL A 25 1.69 9.97 20.98
C VAL A 25 2.34 10.09 19.60
N LEU A 26 2.36 11.29 19.05
CA LEU A 26 3.06 11.55 17.77
C LEU A 26 4.52 11.15 17.79
N GLU A 27 5.23 11.53 18.86
CA GLU A 27 6.66 11.26 18.97
C GLU A 27 6.90 9.76 19.05
N ALA A 28 6.03 9.04 19.75
CA ALA A 28 6.13 7.58 19.87
C ALA A 28 5.95 6.91 18.52
N ILE A 29 4.91 7.29 17.79
CA ILE A 29 4.67 6.77 16.47
C ILE A 29 5.90 7.03 15.58
N ASP A 30 6.36 8.26 15.59
CA ASP A 30 7.49 8.63 14.71
C ASP A 30 8.77 7.91 15.08
N THR A 31 9.00 7.71 16.37
CA THR A 31 10.17 6.96 16.83
C THR A 31 10.09 5.50 16.37
N TYR A 32 8.95 4.85 16.62
CA TYR A 32 8.75 3.47 16.19
C TYR A 32 8.92 3.33 14.67
N CYS A 33 8.36 4.26 13.91
CA CYS A 33 8.35 4.10 12.45
C CYS A 33 9.72 4.44 11.85
N THR A 34 10.49 5.26 12.54
CA THR A 34 11.84 5.61 12.09
C THR A 34 12.80 4.47 12.43
N GLN A 35 12.65 3.89 13.61
CA GLN A 35 13.63 2.93 14.12
C GLN A 35 13.32 1.48 13.80
N LYS A 36 12.04 1.14 13.70
CA LYS A 36 11.66 -0.26 13.62
C LYS A 36 10.96 -0.66 12.32
N GLU A 37 9.99 0.14 11.89
CA GLU A 37 9.10 -0.27 10.85
C GLU A 37 8.46 0.91 10.16
N TRP A 38 8.66 1.05 8.83
CA TRP A 38 8.04 2.13 8.07
C TRP A 38 6.51 2.01 8.17
N ALA A 39 5.83 3.15 8.09
CA ALA A 39 4.39 3.19 7.87
C ALA A 39 3.98 4.44 7.13
N MET A 40 2.83 4.37 6.51
CA MET A 40 2.30 5.45 5.67
C MET A 40 1.62 6.62 6.41
N ASN A 41 2.12 6.96 7.59
CA ASN A 41 1.71 8.18 8.29
C ASN A 41 2.27 9.38 7.57
N VAL A 42 1.61 10.54 7.64
CA VAL A 42 2.16 11.74 6.97
C VAL A 42 3.56 12.08 7.49
N GLY A 43 3.82 11.77 8.75
CA GLY A 43 5.13 11.94 9.33
C GLY A 43 5.40 13.35 9.82
N ASP A 44 6.52 13.50 10.53
CA ASP A 44 6.81 14.78 11.17
C ASP A 44 7.17 15.93 10.22
N ALA A 45 7.87 15.68 9.12
CA ALA A 45 8.31 16.76 8.26
C ALA A 45 7.11 17.36 7.57
N LYS A 46 6.29 16.52 6.95
CA LYS A 46 5.06 17.03 6.33
C LYS A 46 4.04 17.46 7.40
N GLY A 47 4.09 16.77 8.53
CA GLY A 47 3.21 17.06 9.66
C GLY A 47 3.38 18.49 10.18
N GLN A 48 4.60 19.02 10.16
CA GLN A 48 4.82 20.41 10.61
C GLN A 48 4.19 21.39 9.64
N ILE A 49 4.15 21.04 8.35
CA ILE A 49 3.48 21.89 7.37
C ILE A 49 1.96 21.84 7.60
N MET A 50 1.45 20.64 7.83
CA MET A 50 0.04 20.46 8.20
C MET A 50 -0.34 21.29 9.46
N ASP A 51 0.52 21.26 10.47
CA ASP A 51 0.29 22.06 11.69
C ASP A 51 0.17 23.55 11.36
N ALA A 52 1.06 24.04 10.52
CA ALA A 52 1.10 25.47 10.12
C ALA A 52 -0.18 25.84 9.39
N VAL A 53 -0.71 24.93 8.56
CA VAL A 53 -1.97 25.18 7.87
C VAL A 53 -3.14 25.23 8.85
N ILE A 54 -3.18 24.32 9.81
CA ILE A 54 -4.24 24.33 10.81
C ILE A 54 -4.20 25.62 11.62
N ARG A 55 -3.02 26.03 12.02
CA ARG A 55 -2.91 27.25 12.82
C ARG A 55 -3.32 28.48 12.03
N GLU A 56 -2.98 28.51 10.74
CA GLU A 56 -3.24 29.69 9.92
C GLU A 56 -4.73 29.86 9.72
N TYR A 57 -5.44 28.80 9.42
CA TYR A 57 -6.81 28.86 8.97
C TYR A 57 -7.82 28.61 10.09
N SER A 58 -7.37 28.08 11.23
CA SER A 58 -8.24 27.76 12.37
C SER A 58 -9.61 27.19 11.98
N PRO A 59 -9.62 26.07 11.24
CA PRO A 59 -10.88 25.52 10.74
C PRO A 59 -11.77 24.99 11.86
N SER A 60 -13.08 25.27 11.77
CA SER A 60 -14.04 24.73 12.70
C SER A 60 -14.46 23.33 12.40
N LEU A 61 -14.52 22.99 11.11
CA LEU A 61 -14.86 21.67 10.67
C LEU A 61 -13.86 21.20 9.60
N VAL A 62 -13.15 20.13 9.91
CA VAL A 62 -12.15 19.54 9.00
C VAL A 62 -12.63 18.14 8.61
N LEU A 63 -12.46 17.76 7.35
CA LEU A 63 -12.70 16.41 6.86
C LEU A 63 -11.37 15.80 6.45
N GLU A 64 -11.06 14.64 7.00
CA GLU A 64 -9.90 13.84 6.57
C GLU A 64 -10.33 12.65 5.77
N LEU A 65 -9.66 12.40 4.64
CA LEU A 65 -9.89 11.23 3.82
C LEU A 65 -8.68 10.30 3.99
N GLY A 66 -8.89 9.26 4.78
CA GLY A 66 -7.84 8.30 5.08
C GLY A 66 -7.27 8.48 6.47
N ALA A 67 -7.77 7.72 7.44
CA ALA A 67 -7.33 7.82 8.81
C ALA A 67 -6.13 6.95 9.17
N TYR A 68 -6.17 5.70 8.71
CA TYR A 68 -5.16 4.70 8.94
C TYR A 68 -5.04 4.39 10.42
N CYS A 69 -3.97 4.79 11.10
CA CYS A 69 -3.81 4.53 12.54
C CYS A 69 -4.09 5.74 13.41
N GLY A 70 -4.45 6.86 12.80
CA GLY A 70 -4.83 8.06 13.50
C GLY A 70 -3.74 9.07 13.70
N TYR A 71 -2.57 8.87 13.11
CA TYR A 71 -1.49 9.84 13.26
C TYR A 71 -1.87 11.26 12.85
N SER A 72 -2.33 11.44 11.61
CA SER A 72 -2.73 12.76 11.15
C SER A 72 -3.95 13.33 11.89
N ALA A 73 -4.84 12.44 12.30
CA ALA A 73 -6.00 12.88 13.08
C ALA A 73 -5.55 13.43 14.43
N VAL A 74 -4.64 12.74 15.09
CA VAL A 74 -4.01 13.27 16.30
C VAL A 74 -3.31 14.62 16.05
N ARG A 75 -2.56 14.71 14.95
CA ARG A 75 -1.86 15.94 14.63
C ARG A 75 -2.81 17.12 14.49
N MET A 76 -3.88 16.95 13.75
CA MET A 76 -4.81 18.03 13.47
C MET A 76 -5.68 18.34 14.69
N ALA A 77 -6.21 17.31 15.30
CA ALA A 77 -7.15 17.49 16.38
C ALA A 77 -6.50 18.16 17.57
N ARG A 78 -5.21 17.95 17.82
CA ARG A 78 -4.54 18.59 18.94
C ARG A 78 -4.40 20.11 18.79
N LEU A 79 -4.57 20.61 17.57
CA LEU A 79 -4.44 22.03 17.28
C LEU A 79 -5.75 22.73 17.00
N LEU A 80 -6.85 21.99 17.04
CA LEU A 80 -8.18 22.56 16.80
C LEU A 80 -8.61 23.42 18.01
N GLN A 81 -9.29 24.52 17.71
CA GLN A 81 -9.84 25.37 18.78
C GLN A 81 -10.95 24.63 19.52
N PRO A 82 -11.28 25.09 20.73
CA PRO A 82 -12.46 24.56 21.43
C PRO A 82 -13.75 24.59 20.59
N GLY A 83 -14.47 23.49 20.54
CA GLY A 83 -15.70 23.39 19.76
C GLY A 83 -15.51 23.01 18.29
N ALA A 84 -14.28 23.07 17.79
CA ALA A 84 -13.98 22.59 16.43
C ALA A 84 -13.94 21.06 16.37
N ARG A 85 -14.16 20.53 15.18
CA ARG A 85 -14.37 19.09 14.98
C ARG A 85 -13.63 18.59 13.74
N LEU A 86 -13.12 17.37 13.84
CA LEU A 86 -12.58 16.63 12.70
C LEU A 86 -13.44 15.43 12.44
N LEU A 87 -13.86 15.26 11.19
CA LEU A 87 -14.48 14.04 10.73
C LEU A 87 -13.41 13.32 9.94
N THR A 88 -13.21 12.04 10.18
CA THR A 88 -12.22 11.31 9.38
C THR A 88 -12.83 10.03 8.79
N MET A 89 -12.70 9.85 7.49
CA MET A 89 -13.30 8.72 6.78
C MET A 89 -12.24 7.64 6.60
N GLU A 90 -12.59 6.41 6.95
CA GLU A 90 -11.71 5.26 6.86
C GLU A 90 -12.51 4.03 6.45
N MET A 91 -12.16 3.41 5.33
CA MET A 91 -12.93 2.31 4.77
C MET A 91 -12.58 0.95 5.39
N ASN A 92 -11.39 0.85 5.97
CA ASN A 92 -10.92 -0.40 6.54
C ASN A 92 -11.30 -0.45 8.02
N PRO A 93 -12.24 -1.35 8.42
CA PRO A 93 -12.71 -1.36 9.81
C PRO A 93 -11.63 -1.70 10.82
N ASP A 94 -10.67 -2.50 10.44
CA ASP A 94 -9.54 -2.79 11.34
C ASP A 94 -8.76 -1.49 11.64
N TYR A 95 -8.48 -0.70 10.61
CA TYR A 95 -7.78 0.56 10.81
C TYR A 95 -8.62 1.58 11.57
N ALA A 96 -9.91 1.63 11.29
CA ALA A 96 -10.80 2.54 12.01
C ALA A 96 -10.76 2.22 13.50
N ALA A 97 -10.77 0.93 13.84
CA ALA A 97 -10.64 0.48 15.24
C ALA A 97 -9.34 0.93 15.88
N ILE A 98 -8.23 0.78 15.17
CA ILE A 98 -6.94 1.26 15.68
C ILE A 98 -6.98 2.78 15.90
N THR A 99 -7.51 3.52 14.94
CA THR A 99 -7.58 4.96 15.03
C THR A 99 -8.39 5.42 16.28
N GLN A 100 -9.49 4.71 16.54
CA GLN A 100 -10.31 5.05 17.71
C GLN A 100 -9.52 4.87 18.99
N GLN A 101 -8.80 3.77 19.09
CA GLN A 101 -7.97 3.54 20.28
C GLN A 101 -6.84 4.54 20.43
N MET A 102 -6.26 4.94 19.29
CA MET A 102 -5.21 5.95 19.28
C MET A 102 -5.70 7.30 19.79
N LEU A 103 -6.87 7.69 19.30
CA LEU A 103 -7.51 8.95 19.69
C LEU A 103 -7.86 8.92 21.20
N ASN A 104 -8.34 7.79 21.65
CA ASN A 104 -8.71 7.59 23.06
C ASN A 104 -7.48 7.73 23.92
N PHE A 105 -6.41 7.07 23.51
CA PHE A 105 -5.17 7.16 24.25
C PHE A 105 -4.67 8.59 24.32
N ALA A 106 -4.74 9.32 23.20
CA ALA A 106 -4.25 10.69 23.16
C ALA A 106 -5.16 11.67 23.90
N GLY A 107 -6.39 11.24 24.18
CA GLY A 107 -7.41 12.06 24.83
C GLY A 107 -8.13 13.03 23.92
N LEU A 108 -8.16 12.72 22.61
CA LEU A 108 -8.75 13.61 21.60
C LEU A 108 -10.05 13.11 21.02
N GLN A 109 -10.60 12.06 21.63
CA GLN A 109 -11.74 11.38 21.07
C GLN A 109 -12.97 12.29 20.96
N ASP A 110 -13.08 13.27 21.85
CA ASP A 110 -14.28 14.13 21.82
C ASP A 110 -14.22 15.22 20.72
N LYS A 111 -13.08 15.36 20.05
CA LYS A 111 -12.94 16.32 18.95
C LYS A 111 -13.03 15.66 17.57
N VAL A 112 -13.06 14.33 17.52
CA VAL A 112 -13.04 13.57 16.28
C VAL A 112 -14.18 12.57 16.18
N THR A 113 -14.78 12.48 15.00
CA THR A 113 -15.69 11.43 14.66
C THR A 113 -15.11 10.62 13.50
N ILE A 114 -14.96 9.32 13.71
CA ILE A 114 -14.57 8.42 12.66
C ILE A 114 -15.79 7.93 11.89
N LEU A 115 -15.76 8.06 10.56
CA LEU A 115 -16.84 7.56 9.70
C LEU A 115 -16.33 6.36 8.99
N ASN A 116 -17.00 5.26 9.23
CA ASN A 116 -16.62 3.99 8.66
C ASN A 116 -17.25 3.81 7.33
N GLY A 117 -16.42 3.85 6.30
CA GLY A 117 -16.90 3.59 4.97
C GLY A 117 -15.96 4.24 3.98
N ALA A 118 -16.27 4.05 2.70
CA ALA A 118 -15.53 4.63 1.58
C ALA A 118 -16.02 6.05 1.36
N SER A 119 -15.10 6.96 1.11
CA SER A 119 -15.39 8.38 0.94
C SER A 119 -16.42 8.62 -0.17
N GLN A 120 -16.31 7.88 -1.27
CA GLN A 120 -17.25 8.07 -2.39
C GLN A 120 -18.69 7.79 -1.96
N ASP A 121 -18.87 6.87 -1.01
CA ASP A 121 -20.21 6.57 -0.43
C ASP A 121 -20.63 7.55 0.64
N LEU A 122 -19.67 8.01 1.45
CA LEU A 122 -19.98 8.83 2.61
C LEU A 122 -20.09 10.30 2.31
N ILE A 123 -19.31 10.80 1.36
CA ILE A 123 -19.30 12.23 1.06
C ILE A 123 -20.74 12.75 0.73
N PRO A 124 -21.47 12.07 -0.13
CA PRO A 124 -22.83 12.55 -0.45
C PRO A 124 -23.84 12.44 0.67
N GLN A 125 -23.50 11.74 1.76
CA GLN A 125 -24.35 11.63 2.95
C GLN A 125 -24.07 12.64 4.04
N LEU A 126 -23.03 13.45 3.88
CA LEU A 126 -22.63 14.34 4.93
C LEU A 126 -23.70 15.40 5.28
N LYS A 127 -24.37 15.95 4.26
CA LYS A 127 -25.37 16.96 4.53
C LYS A 127 -26.60 16.32 5.22
N LYS A 128 -26.98 15.12 4.81
CA LYS A 128 -28.22 14.50 5.31
C LYS A 128 -28.04 13.81 6.66
N LYS A 129 -26.98 13.02 6.76
CA LYS A 129 -26.77 12.16 7.93
C LYS A 129 -25.93 12.84 9.02
N TYR A 130 -24.95 13.65 8.64
CA TYR A 130 -24.00 14.17 9.63
C TYR A 130 -24.15 15.66 9.91
N ASP A 131 -25.25 16.24 9.41
CA ASP A 131 -25.63 17.65 9.63
C ASP A 131 -24.61 18.68 9.14
N VAL A 132 -23.83 18.35 8.12
CA VAL A 132 -22.82 19.27 7.62
C VAL A 132 -23.40 20.32 6.68
N ASP A 133 -22.96 21.56 6.81
CA ASP A 133 -23.23 22.59 5.82
C ASP A 133 -22.07 22.58 4.80
N THR A 134 -20.99 23.29 5.12
CA THR A 134 -19.76 23.28 4.32
C THR A 134 -18.56 22.98 5.20
N LEU A 135 -17.50 22.52 4.56
CA LEU A 135 -16.27 22.16 5.23
C LEU A 135 -15.29 23.32 5.20
N ASP A 136 -14.54 23.50 6.28
CA ASP A 136 -13.53 24.54 6.31
C ASP A 136 -12.20 24.05 5.76
N MET A 137 -11.98 22.74 5.84
CA MET A 137 -10.70 22.19 5.40
C MET A 137 -10.88 20.71 5.12
N VAL A 138 -10.15 20.21 4.12
CA VAL A 138 -10.14 18.82 3.77
C VAL A 138 -8.68 18.39 3.65
N PHE A 139 -8.32 17.29 4.31
CA PHE A 139 -6.99 16.69 4.16
C PHE A 139 -7.21 15.41 3.34
N LEU A 140 -6.61 15.37 2.16
CA LEU A 140 -6.66 14.22 1.30
C LEU A 140 -5.41 13.38 1.44
N ASP A 141 -5.58 12.14 1.88
CA ASP A 141 -4.47 11.20 2.12
C ASP A 141 -4.93 9.77 2.03
N HIS A 142 -5.83 9.49 1.08
CA HIS A 142 -6.33 8.15 0.86
C HIS A 142 -5.70 7.56 -0.40
N TRP A 143 -6.30 6.54 -1.03
CA TRP A 143 -5.66 6.02 -2.24
C TRP A 143 -5.64 7.13 -3.27
N LYS A 144 -4.51 7.31 -3.95
CA LYS A 144 -4.30 8.53 -4.76
C LYS A 144 -5.24 8.67 -5.95
N ASP A 145 -5.73 7.57 -6.48
CA ASP A 145 -6.72 7.62 -7.54
C ASP A 145 -8.07 8.20 -7.11
N ARG A 146 -8.27 8.41 -5.82
CA ARG A 146 -9.53 8.98 -5.35
C ARG A 146 -9.46 10.48 -5.13
N TYR A 147 -8.27 11.09 -5.16
CA TYR A 147 -8.21 12.52 -4.85
C TYR A 147 -9.07 13.33 -5.82
N LEU A 148 -8.90 13.09 -7.11
CA LEU A 148 -9.63 13.88 -8.12
C LEU A 148 -11.15 13.59 -8.04
N PRO A 149 -11.59 12.35 -8.14
CA PRO A 149 -13.05 12.17 -8.09
C PRO A 149 -13.65 12.64 -6.78
N ASP A 150 -12.99 12.53 -5.63
CA ASP A 150 -13.59 13.03 -4.40
C ASP A 150 -13.65 14.55 -4.37
N THR A 151 -12.65 15.20 -4.96
CA THR A 151 -12.67 16.65 -5.04
C THR A 151 -13.85 17.12 -5.89
N LEU A 152 -14.05 16.49 -7.03
CA LEU A 152 -15.18 16.83 -7.88
C LEU A 152 -16.50 16.58 -7.13
N LEU A 153 -16.59 15.48 -6.41
CA LEU A 153 -17.79 15.09 -5.69
C LEU A 153 -18.08 16.06 -4.54
N LEU A 154 -17.04 16.48 -3.82
CA LEU A 154 -17.18 17.48 -2.78
C LEU A 154 -17.80 18.78 -3.33
N GLU A 155 -17.31 19.22 -4.48
CA GLU A 155 -17.82 20.43 -5.14
C GLU A 155 -19.29 20.21 -5.53
N LYS A 156 -19.58 19.09 -6.20
CA LYS A 156 -20.91 18.80 -6.74
C LYS A 156 -21.93 18.75 -5.61
N CYS A 157 -21.50 18.23 -4.47
CA CYS A 157 -22.38 18.08 -3.32
C CYS A 157 -22.56 19.33 -2.50
N GLY A 158 -21.88 20.43 -2.83
CA GLY A 158 -22.04 21.68 -2.12
C GLY A 158 -21.32 21.77 -0.79
N LEU A 159 -20.25 20.99 -0.65
CA LEU A 159 -19.52 20.91 0.61
C LEU A 159 -18.34 21.86 0.71
N LEU A 160 -17.97 22.49 -0.39
CA LEU A 160 -16.91 23.46 -0.42
C LEU A 160 -17.49 24.85 -0.48
N ARG A 161 -16.88 25.77 0.26
CA ARG A 161 -17.24 27.21 0.13
C ARG A 161 -16.01 28.02 -0.25
N LYS A 162 -16.19 29.29 -0.61
CA LYS A 162 -15.04 30.14 -0.89
C LYS A 162 -14.14 30.24 0.34
N GLY A 163 -12.87 29.84 0.21
CA GLY A 163 -11.91 29.80 1.29
C GLY A 163 -11.69 28.43 1.92
N THR A 164 -12.45 27.42 1.52
CA THR A 164 -12.23 26.06 2.02
C THR A 164 -10.83 25.66 1.57
N VAL A 165 -10.06 25.08 2.48
CA VAL A 165 -8.67 24.69 2.22
C VAL A 165 -8.62 23.20 1.97
N LEU A 166 -8.10 22.80 0.82
CA LEU A 166 -7.76 21.41 0.55
C LEU A 166 -6.26 21.28 0.74
N LEU A 167 -5.85 20.22 1.43
CA LEU A 167 -4.45 19.95 1.66
C LEU A 167 -4.25 18.54 1.27
N ALA A 168 -3.41 18.29 0.25
CA ALA A 168 -3.26 16.97 -0.34
C ALA A 168 -1.85 16.43 -0.10
N ASP A 169 -1.76 15.23 0.45
CA ASP A 169 -0.50 14.53 0.66
C ASP A 169 -0.04 13.86 -0.62
N ASN A 170 1.29 13.67 -0.73
CA ASN A 170 1.85 12.73 -1.71
C ASN A 170 1.74 13.19 -3.15
N VAL A 171 1.65 14.50 -3.36
CA VAL A 171 1.47 14.96 -4.74
C VAL A 171 2.72 14.76 -5.62
N ILE A 172 3.86 14.47 -4.98
CA ILE A 172 5.10 14.14 -5.71
C ILE A 172 5.36 12.61 -5.70
N VAL A 173 5.35 12.02 -4.51
CA VAL A 173 5.59 10.56 -4.30
C VAL A 173 4.50 10.00 -3.40
N PRO A 174 3.76 8.97 -3.84
CA PRO A 174 3.85 8.38 -5.17
C PRO A 174 3.45 9.28 -6.34
N GLY A 175 2.74 10.36 -6.05
CA GLY A 175 2.27 11.31 -7.05
C GLY A 175 0.78 11.25 -7.27
N THR A 176 0.23 12.42 -7.58
CA THR A 176 -1.21 12.55 -7.83
C THR A 176 -1.39 13.36 -9.11
N PRO A 177 -0.97 12.84 -10.25
CA PRO A 177 -0.91 13.71 -11.43
C PRO A 177 -2.26 14.25 -11.89
N ASP A 178 -3.30 13.44 -11.82
CA ASP A 178 -4.62 13.90 -12.32
C ASP A 178 -5.20 15.00 -11.41
N PHE A 179 -5.01 14.84 -10.11
CA PHE A 179 -5.49 15.82 -9.14
C PHE A 179 -4.73 17.13 -9.31
N LEU A 180 -3.40 17.06 -9.47
CA LEU A 180 -2.61 18.27 -9.65
C LEU A 180 -2.96 18.98 -10.92
N ALA A 181 -3.16 18.23 -12.00
CA ALA A 181 -3.52 18.89 -13.27
C ALA A 181 -4.86 19.59 -13.16
N TYR A 182 -5.81 18.98 -12.42
CA TYR A 182 -7.11 19.58 -12.23
C TYR A 182 -7.00 20.90 -11.44
N VAL A 183 -6.43 20.85 -10.23
CA VAL A 183 -6.43 22.06 -9.40
C VAL A 183 -5.54 23.16 -10.01
N ARG A 184 -4.43 22.75 -10.61
CA ARG A 184 -3.52 23.69 -11.26
C ARG A 184 -4.06 24.20 -12.60
N GLY A 185 -5.10 23.58 -13.16
CA GLY A 185 -5.73 24.02 -14.38
C GLY A 185 -7.01 24.81 -14.17
N SER A 186 -7.41 24.99 -12.92
CA SER A 186 -8.73 25.49 -12.58
C SER A 186 -8.67 26.85 -11.96
N SER A 187 -9.53 27.78 -12.38
CA SER A 187 -9.54 29.11 -11.74
C SER A 187 -10.32 29.07 -10.41
N SER A 188 -10.91 27.94 -10.09
CA SER A 188 -11.56 27.73 -8.80
C SER A 188 -10.59 27.39 -7.66
N PHE A 189 -9.29 27.25 -7.93
CA PHE A 189 -8.34 26.95 -6.88
C PHE A 189 -7.13 27.88 -6.91
N GLU A 190 -6.81 28.48 -5.76
CA GLU A 190 -5.56 29.22 -5.56
C GLU A 190 -4.65 28.26 -4.83
N CYS A 191 -3.51 27.91 -5.44
CA CYS A 191 -2.69 26.81 -4.94
C CYS A 191 -1.30 27.23 -4.51
N THR A 192 -0.80 26.56 -3.46
CA THR A 192 0.57 26.72 -3.02
C THR A 192 1.17 25.32 -2.86
N HIS A 193 2.38 25.12 -3.36
CA HIS A 193 3.08 23.86 -3.17
C HIS A 193 4.08 23.97 -2.01
N TYR A 194 4.10 22.95 -1.15
CA TYR A 194 5.05 22.85 -0.04
C TYR A 194 5.92 21.63 -0.21
N SER A 195 7.16 21.86 -0.60
CA SER A 195 8.13 20.80 -0.74
C SER A 195 8.62 20.33 0.63
N SER A 196 8.71 19.02 0.79
CA SER A 196 9.08 18.40 2.04
C SER A 196 9.71 17.01 1.75
N TYR A 197 9.50 16.07 2.66
CA TYR A 197 10.05 14.72 2.53
C TYR A 197 8.98 13.70 2.83
N LEU A 198 9.05 12.62 2.06
CA LEU A 198 8.23 11.45 2.31
C LEU A 198 8.52 10.94 3.70
N GLU A 199 7.46 10.59 4.42
CA GLU A 199 7.58 10.10 5.78
C GLU A 199 8.72 9.11 6.01
N TYR A 200 9.51 9.42 7.03
CA TYR A 200 10.58 8.57 7.55
C TYR A 200 11.73 8.38 6.59
N MET A 201 11.83 9.25 5.59
CA MET A 201 12.96 9.19 4.70
C MET A 201 13.34 10.54 4.13
N LYS A 202 14.39 10.58 3.30
CA LYS A 202 14.80 11.85 2.70
C LYS A 202 14.52 11.93 1.19
N VAL A 203 13.69 11.02 0.68
CA VAL A 203 13.07 11.19 -0.63
C VAL A 203 12.12 12.40 -0.59
N VAL A 204 12.23 13.28 -1.59
CA VAL A 204 11.38 14.47 -1.60
C VAL A 204 9.93 14.11 -1.92
N ASP A 205 9.03 14.72 -1.15
CA ASP A 205 7.60 14.72 -1.47
C ASP A 205 7.07 16.11 -1.24
N GLY A 206 5.79 16.34 -1.47
CA GLY A 206 5.23 17.62 -1.14
C GLY A 206 3.76 17.56 -0.83
N LEU A 207 3.23 18.60 -0.21
CA LEU A 207 1.79 18.75 -0.02
C LEU A 207 1.33 19.88 -0.94
N GLU A 208 0.11 19.79 -1.47
CA GLU A 208 -0.50 20.88 -2.22
C GLU A 208 -1.60 21.49 -1.36
N LYS A 209 -1.56 22.81 -1.18
CA LYS A 209 -2.66 23.53 -0.56
C LYS A 209 -3.45 24.13 -1.72
N ALA A 210 -4.72 23.80 -1.83
CA ALA A 210 -5.54 24.32 -2.92
C ALA A 210 -6.76 24.95 -2.25
N ILE A 211 -6.89 26.27 -2.35
CA ILE A 211 -8.00 26.96 -1.67
C ILE A 211 -9.12 27.24 -2.66
N TYR A 212 -10.30 26.72 -2.36
CA TYR A 212 -11.44 26.84 -3.26
C TYR A 212 -11.88 28.30 -3.32
N GLN A 213 -12.14 28.78 -4.52
CA GLN A 213 -12.51 30.19 -4.74
C GLN A 213 -13.96 30.34 -5.14
N GLY A 214 -14.66 29.23 -5.25
CA GLY A 214 -16.02 29.23 -5.78
C GLY A 214 -16.01 28.66 -7.17
N PRO A 215 -17.18 28.51 -7.76
CA PRO A 215 -17.33 28.06 -9.16
C PRO A 215 -16.73 28.96 -10.24
N SER A 216 -16.58 30.18 -10.13
N MET B 1 -10.95 -4.06 -21.91
CA MET B 1 -11.78 -3.24 -21.01
C MET B 1 -10.95 -2.14 -20.34
N GLY B 2 -11.62 -1.14 -19.78
CA GLY B 2 -10.92 -0.02 -19.15
C GLY B 2 -11.53 0.49 -17.85
N ASP B 3 -12.38 -0.31 -17.21
CA ASP B 3 -13.10 0.11 -15.98
C ASP B 3 -12.23 0.10 -14.72
N THR B 4 -11.32 -0.85 -14.61
CA THR B 4 -10.41 -0.91 -13.46
C THR B 4 -8.99 -0.65 -13.96
N LYS B 5 -8.12 -0.29 -13.01
CA LYS B 5 -6.67 -0.14 -13.31
C LYS B 5 -6.07 -1.41 -13.92
N GLU B 6 -6.44 -2.56 -13.37
CA GLU B 6 -5.88 -3.82 -13.82
C GLU B 6 -6.30 -4.12 -15.27
N GLN B 7 -7.55 -3.83 -15.60
CA GLN B 7 -7.98 -3.91 -17.00
C GLN B 7 -7.18 -2.94 -17.88
N ARG B 8 -6.91 -1.74 -17.38
CA ARG B 8 -6.15 -0.76 -18.15
C ARG B 8 -4.71 -1.17 -18.38
N ILE B 9 -4.09 -1.77 -17.37
CA ILE B 9 -2.75 -2.35 -17.54
C ILE B 9 -2.74 -3.40 -18.64
N LEU B 10 -3.69 -4.34 -18.59
CA LEU B 10 -3.74 -5.39 -19.59
C LEU B 10 -3.99 -4.81 -20.99
N ARG B 11 -4.92 -3.87 -21.06
CA ARG B 11 -5.20 -3.18 -22.32
C ARG B 11 -3.97 -2.53 -22.90
N TYR B 12 -3.20 -1.83 -22.07
CA TYR B 12 -1.96 -1.26 -22.54
C TYR B 12 -0.96 -2.30 -23.05
N VAL B 13 -0.79 -3.38 -22.31
CA VAL B 13 0.10 -4.46 -22.72
C VAL B 13 -0.34 -5.01 -24.09
N GLN B 14 -1.62 -5.30 -24.25
CA GLN B 14 -2.07 -5.91 -25.51
C GLN B 14 -1.85 -4.97 -26.70
N GLN B 15 -1.94 -3.68 -26.43
CA GLN B 15 -1.75 -2.64 -27.46
C GLN B 15 -0.32 -2.46 -27.85
N ASN B 16 0.60 -2.58 -26.90
CA ASN B 16 1.97 -2.14 -27.08
C ASN B 16 3.03 -3.22 -27.04
N ALA B 17 2.78 -4.31 -26.34
CA ALA B 17 3.78 -5.36 -26.28
C ALA B 17 3.61 -6.32 -27.47
N LYS B 18 4.65 -7.07 -27.74
CA LYS B 18 4.62 -8.09 -28.78
C LYS B 18 3.99 -9.32 -28.25
N PRO B 19 2.94 -9.80 -28.91
CA PRO B 19 2.34 -11.06 -28.51
C PRO B 19 3.38 -12.20 -28.44
N GLY B 20 3.35 -12.92 -27.34
CA GLY B 20 4.25 -14.04 -27.12
C GLY B 20 5.69 -13.76 -26.69
N ASP B 21 5.94 -12.51 -26.31
CA ASP B 21 7.29 -12.02 -25.98
C ASP B 21 7.24 -11.53 -24.53
N PRO B 22 7.61 -12.40 -23.61
CA PRO B 22 7.54 -12.02 -22.19
C PRO B 22 8.26 -10.73 -21.83
N GLN B 23 9.45 -10.52 -22.34
CA GLN B 23 10.20 -9.31 -21.97
C GLN B 23 9.44 -8.06 -22.39
N SER B 24 8.88 -8.08 -23.59
CA SER B 24 8.07 -6.96 -24.08
C SER B 24 6.85 -6.66 -23.16
N VAL B 25 6.24 -7.72 -22.63
CA VAL B 25 5.10 -7.61 -21.73
C VAL B 25 5.59 -6.90 -20.45
N LEU B 26 6.69 -7.37 -19.89
CA LEU B 26 7.21 -6.75 -18.67
C LEU B 26 7.52 -5.27 -18.88
N GLU B 27 8.15 -4.94 -20.01
CA GLU B 27 8.48 -3.58 -20.33
C GLU B 27 7.23 -2.70 -20.48
N ALA B 28 6.19 -3.23 -21.09
CA ALA B 28 4.96 -2.48 -21.27
C ALA B 28 4.28 -2.19 -19.91
N ILE B 29 4.23 -3.19 -19.03
CA ILE B 29 3.65 -3.02 -17.71
C ILE B 29 4.43 -1.96 -16.95
N ASP B 30 5.76 -2.05 -16.99
CA ASP B 30 6.57 -1.12 -16.20
C ASP B 30 6.41 0.31 -16.75
N THR B 31 6.30 0.43 -18.07
CA THR B 31 6.12 1.77 -18.70
C THR B 31 4.80 2.39 -18.29
N TYR B 32 3.71 1.63 -18.38
CA TYR B 32 2.37 2.10 -18.03
C TYR B 32 2.33 2.50 -16.56
N CYS B 33 2.92 1.68 -15.71
CA CYS B 33 2.84 1.89 -14.27
C CYS B 33 3.77 3.02 -13.78
N THR B 34 4.79 3.34 -14.57
CA THR B 34 5.72 4.41 -14.26
C THR B 34 5.10 5.73 -14.72
N GLN B 35 4.41 5.67 -15.86
CA GLN B 35 3.93 6.90 -16.52
C GLN B 35 2.48 7.28 -16.24
N LYS B 36 1.61 6.29 -16.05
CA LYS B 36 0.17 6.53 -16.02
C LYS B 36 -0.48 6.21 -14.70
N GLU B 37 -0.29 4.98 -14.19
CA GLU B 37 -0.94 4.58 -12.95
C GLU B 37 -0.01 3.67 -12.16
N TRP B 38 0.39 4.09 -10.97
CA TRP B 38 1.22 3.23 -10.11
C TRP B 38 0.47 1.96 -9.79
N ALA B 39 1.21 0.85 -9.70
CA ALA B 39 0.60 -0.42 -9.28
C ALA B 39 1.63 -1.27 -8.59
N MET B 40 1.16 -2.23 -7.81
CA MET B 40 1.98 -3.00 -6.88
C MET B 40 2.69 -4.22 -7.49
N ASN B 41 3.18 -4.08 -8.73
CA ASN B 41 3.99 -5.11 -9.38
C ASN B 41 5.38 -5.02 -8.74
N VAL B 42 6.14 -6.10 -8.68
CA VAL B 42 7.48 -6.01 -8.09
C VAL B 42 8.39 -5.02 -8.83
N GLY B 43 8.16 -4.82 -10.13
CA GLY B 43 8.87 -3.85 -10.93
C GLY B 43 10.23 -4.32 -11.40
N ASP B 44 10.85 -3.51 -12.26
CA ASP B 44 12.08 -3.94 -12.92
C ASP B 44 13.30 -3.97 -12.03
N ALA B 45 13.42 -3.03 -11.10
CA ALA B 45 14.60 -3.03 -10.23
C ALA B 45 14.67 -4.27 -9.36
N LYS B 46 13.64 -4.49 -8.58
CA LYS B 46 13.58 -5.73 -7.81
C LYS B 46 13.44 -6.96 -8.71
N GLY B 47 12.80 -6.79 -9.84
CA GLY B 47 12.65 -7.89 -10.78
C GLY B 47 13.98 -8.43 -11.27
N GLN B 48 14.99 -7.58 -11.42
CA GLN B 48 16.28 -8.07 -11.91
C GLN B 48 16.95 -8.93 -10.85
N ILE B 49 16.71 -8.60 -9.58
CA ILE B 49 17.19 -9.46 -8.50
C ILE B 49 16.47 -10.80 -8.51
N MET B 50 15.14 -10.76 -8.66
CA MET B 50 14.35 -11.97 -8.83
C MET B 50 14.86 -12.88 -9.96
N ASP B 51 15.21 -12.26 -11.07
CA ASP B 51 15.71 -13.01 -12.23
C ASP B 51 16.99 -13.73 -11.83
N ALA B 52 17.84 -13.04 -11.09
CA ALA B 52 19.14 -13.60 -10.70
C ALA B 52 18.95 -14.81 -9.76
N VAL B 53 17.95 -14.72 -8.89
CA VAL B 53 17.61 -15.84 -8.01
C VAL B 53 17.08 -17.04 -8.80
N ILE B 54 16.15 -16.83 -9.71
CA ILE B 54 15.70 -17.90 -10.61
C ILE B 54 16.85 -18.55 -11.36
N ARG B 55 17.72 -17.75 -11.95
CA ARG B 55 18.86 -18.29 -12.69
C ARG B 55 19.80 -19.10 -11.81
N GLU B 56 20.06 -18.64 -10.58
CA GLU B 56 21.00 -19.33 -9.69
C GLU B 56 20.49 -20.67 -9.25
N TYR B 57 19.21 -20.75 -8.88
CA TYR B 57 18.67 -21.95 -8.26
C TYR B 57 17.94 -22.90 -9.21
N SER B 58 17.62 -22.43 -10.42
CA SER B 58 16.83 -23.21 -11.41
C SER B 58 15.72 -24.08 -10.81
N PRO B 59 14.78 -23.48 -10.08
CA PRO B 59 13.73 -24.23 -9.39
C PRO B 59 12.85 -25.00 -10.37
N SER B 60 12.47 -26.22 -10.03
CA SER B 60 11.53 -26.98 -10.86
C SER B 60 10.09 -26.68 -10.53
N LEU B 61 9.85 -26.28 -9.27
CA LEU B 61 8.51 -25.96 -8.84
C LEU B 61 8.61 -24.73 -7.96
N VAL B 62 7.94 -23.67 -8.39
CA VAL B 62 7.90 -22.40 -7.64
C VAL B 62 6.47 -22.14 -7.22
N LEU B 63 6.31 -21.62 -6.01
CA LEU B 63 5.05 -21.17 -5.52
C LEU B 63 5.12 -19.66 -5.36
N GLU B 64 4.17 -18.95 -5.95
CA GLU B 64 4.03 -17.51 -5.72
C GLU B 64 2.80 -17.23 -4.89
N LEU B 65 2.96 -16.38 -3.88
CA LEU B 65 1.86 -15.95 -3.09
C LEU B 65 1.55 -14.51 -3.50
N GLY B 66 0.48 -14.32 -4.27
CA GLY B 66 0.01 -13.00 -4.71
C GLY B 66 0.42 -12.80 -6.17
N ALA B 67 -0.54 -12.97 -7.08
CA ALA B 67 -0.32 -12.83 -8.51
C ALA B 67 -0.58 -11.43 -9.06
N TYR B 68 -1.69 -10.84 -8.64
CA TYR B 68 -2.14 -9.54 -9.09
C TYR B 68 -2.45 -9.57 -10.58
N CYS B 69 -1.66 -8.91 -11.40
CA CYS B 69 -1.86 -8.90 -12.83
C CYS B 69 -0.91 -9.80 -13.58
N GLY B 70 -0.08 -10.58 -12.89
CA GLY B 70 0.81 -11.52 -13.52
C GLY B 70 2.21 -11.08 -13.86
N TYR B 71 2.59 -9.87 -13.41
CA TYR B 71 3.91 -9.35 -13.72
C TYR B 71 5.04 -10.27 -13.23
N SER B 72 5.02 -10.60 -11.95
CA SER B 72 6.08 -11.45 -11.40
C SER B 72 6.00 -12.89 -11.93
N ALA B 73 4.78 -13.35 -12.20
CA ALA B 73 4.58 -14.67 -12.78
C ALA B 73 5.24 -14.73 -14.16
N VAL B 74 5.05 -13.69 -14.97
CA VAL B 74 5.72 -13.61 -16.27
C VAL B 74 7.23 -13.55 -16.09
N ARG B 75 7.71 -12.73 -15.14
CA ARG B 75 9.13 -12.60 -14.90
C ARG B 75 9.77 -13.96 -14.59
N MET B 76 9.17 -14.72 -13.70
CA MET B 76 9.75 -15.96 -13.24
C MET B 76 9.55 -17.03 -14.31
N ALA B 77 8.34 -17.16 -14.82
CA ALA B 77 8.03 -18.22 -15.79
C ALA B 77 8.90 -18.15 -17.03
N ARG B 78 9.25 -16.94 -17.47
CA ARG B 78 10.08 -16.79 -18.68
C ARG B 78 11.49 -17.35 -18.52
N LEU B 79 11.91 -17.57 -17.26
CA LEU B 79 13.23 -18.07 -16.94
C LEU B 79 13.25 -19.53 -16.48
N LEU B 80 12.08 -20.15 -16.36
CA LEU B 80 11.98 -21.54 -15.92
C LEU B 80 12.46 -22.47 -17.05
N GLN B 81 13.18 -23.52 -16.69
CA GLN B 81 13.63 -24.53 -17.65
C GLN B 81 12.44 -25.34 -18.16
N PRO B 82 12.61 -26.08 -19.26
CA PRO B 82 11.53 -26.96 -19.73
C PRO B 82 11.02 -27.96 -18.67
N GLY B 83 9.72 -28.04 -18.51
CA GLY B 83 9.10 -28.96 -17.56
C GLY B 83 8.94 -28.38 -16.16
N ALA B 84 9.57 -27.25 -15.90
CA ALA B 84 9.40 -26.56 -14.61
C ALA B 84 8.08 -25.80 -14.59
N ARG B 85 7.58 -25.53 -13.39
CA ARG B 85 6.20 -25.13 -13.15
C ARG B 85 6.16 -24.00 -12.11
N LEU B 86 5.33 -22.99 -12.35
CA LEU B 86 4.97 -22.01 -11.33
C LEU B 86 3.52 -22.15 -10.94
N LEU B 87 3.26 -22.26 -9.65
CA LEU B 87 1.92 -22.23 -9.11
C LEU B 87 1.78 -20.86 -8.48
N THR B 88 0.72 -20.14 -8.79
CA THR B 88 0.49 -18.84 -8.17
C THR B 88 -0.89 -18.73 -7.52
N MET B 89 -0.90 -18.33 -6.26
CA MET B 89 -2.10 -18.19 -5.49
C MET B 89 -2.58 -16.74 -5.48
N GLU B 90 -3.85 -16.56 -5.82
CA GLU B 90 -4.49 -15.26 -5.92
C GLU B 90 -5.94 -15.37 -5.45
N MET B 91 -6.25 -14.73 -4.36
CA MET B 91 -7.59 -14.79 -3.76
C MET B 91 -8.64 -13.92 -4.46
N ASN B 92 -8.21 -12.92 -5.21
CA ASN B 92 -9.12 -11.97 -5.84
C ASN B 92 -9.42 -12.48 -7.25
N PRO B 93 -10.67 -12.88 -7.53
CA PRO B 93 -10.95 -13.50 -8.83
C PRO B 93 -10.82 -12.55 -10.01
N ASP B 94 -11.03 -11.25 -9.82
CA ASP B 94 -10.86 -10.28 -10.90
C ASP B 94 -9.40 -10.20 -11.28
N TYR B 95 -8.54 -10.18 -10.27
CA TYR B 95 -7.10 -10.17 -10.54
C TYR B 95 -6.65 -11.47 -11.17
N ALA B 96 -7.16 -12.60 -10.69
CA ALA B 96 -6.79 -13.87 -11.27
C ALA B 96 -7.15 -13.96 -12.76
N ALA B 97 -8.25 -13.32 -13.14
CA ALA B 97 -8.67 -13.31 -14.54
C ALA B 97 -7.67 -12.53 -15.38
N ILE B 98 -7.23 -11.38 -14.85
CA ILE B 98 -6.26 -10.56 -15.56
C ILE B 98 -4.97 -11.31 -15.68
N THR B 99 -4.51 -11.92 -14.59
CA THR B 99 -3.31 -12.73 -14.65
C THR B 99 -3.37 -13.81 -15.73
N GLN B 100 -4.50 -14.49 -15.90
CA GLN B 100 -4.60 -15.52 -16.95
C GLN B 100 -4.43 -14.91 -18.33
N GLN B 101 -5.08 -13.78 -18.57
CA GLN B 101 -4.99 -13.09 -19.85
C GLN B 101 -3.57 -12.62 -20.11
N MET B 102 -2.90 -12.19 -19.03
CA MET B 102 -1.53 -11.72 -19.13
C MET B 102 -0.58 -12.84 -19.50
N LEU B 103 -0.73 -13.98 -18.82
CA LEU B 103 0.07 -15.14 -19.12
C LEU B 103 -0.19 -15.65 -20.54
N ASN B 104 -1.44 -15.68 -20.96
CA ASN B 104 -1.75 -16.09 -22.33
C ASN B 104 -1.09 -15.18 -23.34
N PHE B 105 -1.15 -13.86 -23.10
CA PHE B 105 -0.57 -12.90 -24.04
C PHE B 105 0.94 -13.10 -24.14
N ALA B 106 1.56 -13.40 -23.00
CA ALA B 106 3.00 -13.60 -22.95
C ALA B 106 3.43 -14.95 -23.52
N GLY B 107 2.46 -15.85 -23.71
CA GLY B 107 2.70 -17.20 -24.20
C GLY B 107 3.24 -18.17 -23.16
N LEU B 108 3.03 -17.85 -21.88
CA LEU B 108 3.57 -18.63 -20.76
C LEU B 108 2.51 -19.44 -20.02
N GLN B 109 1.32 -19.55 -20.58
CA GLN B 109 0.22 -20.19 -19.87
C GLN B 109 0.49 -21.67 -19.56
N ASP B 110 1.35 -22.31 -20.34
CA ASP B 110 1.68 -23.73 -20.16
C ASP B 110 2.67 -23.99 -19.01
N LYS B 111 3.28 -22.92 -18.50
CA LYS B 111 4.28 -23.01 -17.44
C LYS B 111 3.70 -22.66 -16.06
N VAL B 112 2.49 -22.11 -16.04
CA VAL B 112 1.91 -21.50 -14.84
C VAL B 112 0.51 -21.99 -14.57
N THR B 113 0.22 -22.35 -13.32
CA THR B 113 -1.13 -22.65 -12.89
C THR B 113 -1.57 -21.63 -11.85
N ILE B 114 -2.68 -20.95 -12.11
CA ILE B 114 -3.28 -20.03 -11.16
C ILE B 114 -4.22 -20.79 -10.25
N LEU B 115 -4.01 -20.65 -8.95
CA LEU B 115 -4.87 -21.22 -7.92
C LEU B 115 -5.68 -20.09 -7.30
N ASN B 116 -7.00 -20.12 -7.48
CA ASN B 116 -7.90 -19.06 -7.01
C ASN B 116 -8.34 -19.38 -5.61
N GLY B 117 -7.90 -18.56 -4.68
CA GLY B 117 -8.20 -18.77 -3.28
C GLY B 117 -7.15 -18.09 -2.41
N ALA B 118 -7.39 -18.13 -1.10
CA ALA B 118 -6.48 -17.56 -0.12
C ALA B 118 -5.42 -18.61 0.21
N SER B 119 -4.17 -18.18 0.35
CA SER B 119 -3.05 -19.06 0.63
C SER B 119 -3.23 -19.93 1.88
N GLN B 120 -3.85 -19.39 2.91
CA GLN B 120 -4.05 -20.12 4.16
C GLN B 120 -4.95 -21.37 3.94
N ASP B 121 -5.83 -21.29 2.94
CA ASP B 121 -6.70 -22.42 2.54
C ASP B 121 -6.05 -23.36 1.54
N LEU B 122 -5.27 -22.80 0.62
CA LEU B 122 -4.73 -23.57 -0.47
C LEU B 122 -3.44 -24.28 -0.11
N ILE B 123 -2.63 -23.69 0.79
CA ILE B 123 -1.34 -24.30 1.08
C ILE B 123 -1.48 -25.76 1.62
N PRO B 124 -2.38 -25.99 2.56
CA PRO B 124 -2.58 -27.34 3.11
C PRO B 124 -3.14 -28.32 2.06
N GLN B 125 -3.79 -27.77 1.02
CA GLN B 125 -4.27 -28.58 -0.11
C GLN B 125 -3.22 -28.94 -1.15
N LEU B 126 -2.03 -28.32 -1.14
CA LEU B 126 -1.07 -28.56 -2.19
C LEU B 126 -0.67 -30.03 -2.35
N LYS B 127 -0.37 -30.71 -1.25
CA LYS B 127 0.16 -32.06 -1.40
C LYS B 127 -0.92 -33.05 -1.87
N LYS B 128 -2.15 -32.90 -1.38
CA LYS B 128 -3.22 -33.85 -1.72
C LYS B 128 -3.95 -33.46 -3.00
N LYS B 129 -4.62 -32.31 -2.98
CA LYS B 129 -5.43 -31.87 -4.11
C LYS B 129 -4.57 -31.49 -5.33
N TYR B 130 -3.43 -30.84 -5.11
CA TYR B 130 -2.58 -30.43 -6.25
C TYR B 130 -1.35 -31.29 -6.40
N ASP B 131 -1.28 -32.37 -5.61
CA ASP B 131 -0.22 -33.41 -5.73
C ASP B 131 1.26 -32.93 -5.72
N VAL B 132 1.55 -31.83 -5.03
CA VAL B 132 2.91 -31.35 -4.80
C VAL B 132 3.57 -32.22 -3.70
N ASP B 133 4.87 -32.44 -3.80
CA ASP B 133 5.66 -32.98 -2.68
C ASP B 133 6.32 -31.81 -1.91
N THR B 134 7.44 -31.33 -2.40
CA THR B 134 8.04 -30.11 -1.85
C THR B 134 8.28 -29.06 -2.93
N LEU B 135 8.41 -27.83 -2.45
CA LEU B 135 8.62 -26.66 -3.30
C LEU B 135 10.10 -26.34 -3.37
N ASP B 136 10.57 -25.92 -4.54
CA ASP B 136 11.94 -25.50 -4.70
C ASP B 136 12.15 -24.00 -4.35
N MET B 137 11.11 -23.23 -4.52
CA MET B 137 11.19 -21.78 -4.28
C MET B 137 9.80 -21.26 -4.01
N VAL B 138 9.72 -20.24 -3.13
CA VAL B 138 8.48 -19.56 -2.80
C VAL B 138 8.76 -18.05 -2.89
N PHE B 139 7.96 -17.34 -3.67
CA PHE B 139 7.98 -15.88 -3.74
C PHE B 139 6.83 -15.40 -2.92
N LEU B 140 7.14 -14.69 -1.83
CA LEU B 140 6.15 -14.09 -0.93
C LEU B 140 5.89 -12.63 -1.31
N ASP B 141 4.68 -12.31 -1.72
CA ASP B 141 4.34 -10.97 -2.15
C ASP B 141 2.85 -10.71 -2.04
N HIS B 142 2.23 -11.19 -0.97
CA HIS B 142 0.80 -10.97 -0.73
C HIS B 142 0.65 -9.98 0.43
N TRP B 143 -0.48 -9.98 1.13
CA TRP B 143 -0.59 -9.04 2.22
C TRP B 143 0.44 -9.39 3.27
N LYS B 144 1.11 -8.35 3.79
CA LYS B 144 2.35 -8.58 4.52
C LYS B 144 2.16 -9.26 5.86
N ASP B 145 0.98 -9.13 6.46
CA ASP B 145 0.68 -9.83 7.71
C ASP B 145 0.60 -11.34 7.52
N ARG B 146 0.57 -11.82 6.28
CA ARG B 146 0.53 -13.26 6.03
C ARG B 146 1.89 -13.89 5.77
N TYR B 147 2.98 -13.08 5.62
CA TYR B 147 4.27 -13.67 5.34
C TYR B 147 4.69 -14.69 6.39
N LEU B 148 4.63 -14.28 7.66
CA LEU B 148 5.11 -15.15 8.71
C LEU B 148 4.14 -16.33 8.91
N PRO B 149 2.84 -16.11 9.06
CA PRO B 149 1.94 -17.27 9.22
C PRO B 149 2.02 -18.25 8.05
N ASP B 150 2.19 -17.79 6.82
CA ASP B 150 2.31 -18.72 5.68
C ASP B 150 3.61 -19.47 5.65
N THR B 151 4.69 -18.84 6.08
CA THR B 151 5.98 -19.49 6.20
C THR B 151 5.87 -20.62 7.22
N LEU B 152 5.24 -20.33 8.35
CA LEU B 152 5.07 -21.35 9.39
C LEU B 152 4.17 -22.49 8.91
N LEU B 153 3.16 -22.14 8.13
CA LEU B 153 2.22 -23.10 7.55
C LEU B 153 2.89 -23.98 6.52
N LEU B 154 3.77 -23.41 5.69
CA LEU B 154 4.55 -24.15 4.72
C LEU B 154 5.42 -25.18 5.42
N GLU B 155 6.02 -24.77 6.54
CA GLU B 155 6.85 -25.67 7.35
C GLU B 155 6.04 -26.79 7.95
N LYS B 156 4.90 -26.43 8.53
CA LYS B 156 4.03 -27.36 9.27
C LYS B 156 3.50 -28.42 8.32
N CYS B 157 3.15 -28.01 7.10
CA CYS B 157 2.64 -28.93 6.10
C CYS B 157 3.68 -29.84 5.47
N GLY B 158 4.96 -29.57 5.69
CA GLY B 158 6.04 -30.34 5.09
C GLY B 158 6.36 -30.04 3.63
N LEU B 159 6.02 -28.82 3.20
CA LEU B 159 6.24 -28.39 1.82
C LEU B 159 7.64 -27.83 1.55
N LEU B 160 8.43 -27.56 2.58
CA LEU B 160 9.78 -27.11 2.39
C LEU B 160 10.78 -28.23 2.54
N ARG B 161 11.83 -28.19 1.74
CA ARG B 161 12.91 -29.11 1.90
C ARG B 161 14.19 -28.37 2.08
N LYS B 162 15.24 -29.11 2.40
CA LYS B 162 16.55 -28.53 2.53
C LYS B 162 16.96 -27.89 1.21
N GLY B 163 17.19 -26.57 1.23
CA GLY B 163 17.62 -25.79 0.05
C GLY B 163 16.49 -25.00 -0.62
N THR B 164 15.28 -25.14 -0.12
CA THR B 164 14.15 -24.38 -0.65
C THR B 164 14.42 -22.91 -0.42
N VAL B 165 14.25 -22.10 -1.46
CA VAL B 165 14.52 -20.66 -1.42
C VAL B 165 13.24 -19.92 -1.18
N LEU B 166 13.18 -19.16 -0.09
CA LEU B 166 12.11 -18.19 0.12
C LEU B 166 12.62 -16.84 -0.33
N LEU B 167 11.83 -16.14 -1.15
CA LEU B 167 12.19 -14.78 -1.59
C LEU B 167 11.00 -13.93 -1.24
N ALA B 168 11.20 -12.92 -0.38
CA ALA B 168 10.14 -12.09 0.10
C ALA B 168 10.30 -10.63 -0.37
N ASP B 169 9.23 -10.08 -0.95
CA ASP B 169 9.20 -8.68 -1.36
C ASP B 169 8.89 -7.76 -0.22
N ASN B 170 9.26 -6.50 -0.36
CA ASN B 170 8.75 -5.42 0.51
C ASN B 170 9.19 -5.48 1.95
N VAL B 171 10.39 -6.01 2.19
CA VAL B 171 10.76 -6.18 3.59
C VAL B 171 11.12 -4.87 4.29
N ILE B 172 11.33 -3.81 3.51
CA ILE B 172 11.50 -2.45 4.03
C ILE B 172 10.26 -1.58 3.90
N VAL B 173 9.67 -1.54 2.70
CA VAL B 173 8.46 -0.78 2.45
C VAL B 173 7.47 -1.66 1.69
N PRO B 174 6.27 -1.91 2.22
CA PRO B 174 5.83 -1.40 3.52
C PRO B 174 6.56 -1.89 4.76
N GLY B 175 7.31 -2.98 4.65
CA GLY B 175 8.17 -3.45 5.72
C GLY B 175 7.56 -4.61 6.47
N THR B 176 8.37 -5.63 6.74
CA THR B 176 7.86 -6.90 7.30
C THR B 176 8.77 -7.39 8.45
N PRO B 177 8.77 -6.65 9.56
CA PRO B 177 9.77 -6.92 10.60
C PRO B 177 9.54 -8.24 11.32
N ASP B 178 8.29 -8.68 11.42
CA ASP B 178 7.97 -9.98 12.03
C ASP B 178 8.55 -11.15 11.22
N PHE B 179 8.36 -11.11 9.89
CA PHE B 179 8.95 -12.13 9.02
C PHE B 179 10.49 -12.12 9.10
N LEU B 180 11.11 -10.95 9.01
CA LEU B 180 12.57 -10.84 9.09
C LEU B 180 13.09 -11.36 10.43
N ALA B 181 12.43 -11.01 11.53
CA ALA B 181 12.90 -11.46 12.84
C ALA B 181 12.84 -12.98 12.94
N TYR B 182 11.83 -13.59 12.32
CA TYR B 182 11.72 -15.04 12.33
C TYR B 182 12.84 -15.68 11.53
N VAL B 183 12.98 -15.34 10.26
CA VAL B 183 14.00 -16.03 9.47
C VAL B 183 15.42 -15.69 9.92
N ARG B 184 15.66 -14.44 10.32
CA ARG B 184 16.97 -14.02 10.77
C ARG B 184 17.31 -14.61 12.14
N GLY B 185 16.32 -14.98 12.95
CA GLY B 185 16.56 -15.50 14.28
C GLY B 185 16.70 -17.02 14.31
N SER B 186 16.39 -17.68 13.21
CA SER B 186 16.27 -19.14 13.17
C SER B 186 17.48 -19.74 12.49
N SER B 187 18.14 -20.72 13.12
CA SER B 187 19.22 -21.43 12.44
C SER B 187 18.71 -22.32 11.30
N SER B 188 17.39 -22.43 11.11
CA SER B 188 16.83 -23.14 9.93
C SER B 188 16.88 -22.34 8.65
N PHE B 189 17.36 -21.07 8.71
CA PHE B 189 17.45 -20.23 7.51
C PHE B 189 18.80 -19.59 7.33
N GLU B 190 19.31 -19.62 6.10
CA GLU B 190 20.47 -18.85 5.70
C GLU B 190 19.93 -17.69 4.85
N CYS B 191 20.22 -16.48 5.28
CA CYS B 191 19.55 -15.31 4.74
C CYS B 191 20.49 -14.28 4.12
N THR B 192 20.02 -13.67 3.02
CA THR B 192 20.73 -12.63 2.32
C THR B 192 19.72 -11.51 2.07
N HIS B 193 20.13 -10.26 2.23
CA HIS B 193 19.28 -9.12 1.95
C HIS B 193 19.72 -8.46 0.65
N TYR B 194 18.75 -8.14 -0.21
CA TYR B 194 18.99 -7.41 -1.45
C TYR B 194 18.32 -6.06 -1.49
N SER B 195 19.07 -5.01 -1.22
CA SER B 195 18.52 -3.64 -1.27
C SER B 195 18.24 -3.25 -2.71
N SER B 196 17.17 -2.50 -2.91
CA SER B 196 16.73 -2.14 -4.24
C SER B 196 15.79 -0.96 -4.11
N TYR B 197 14.87 -0.80 -5.05
CA TYR B 197 13.91 0.29 -5.01
C TYR B 197 12.51 -0.26 -5.05
N LEU B 198 11.65 0.36 -4.29
CA LEU B 198 10.22 0.12 -4.40
C LEU B 198 9.78 0.41 -5.83
N GLU B 199 8.91 -0.46 -6.35
CA GLU B 199 8.49 -0.38 -7.75
C GLU B 199 8.07 1.03 -8.15
N TYR B 200 8.74 1.51 -9.22
CA TYR B 200 8.38 2.76 -9.90
C TYR B 200 8.73 3.99 -9.09
N MET B 201 9.51 3.80 -8.02
CA MET B 201 9.89 4.90 -7.14
C MET B 201 11.38 4.88 -6.83
N LYS B 202 11.87 5.95 -6.20
CA LYS B 202 13.25 5.98 -5.69
C LYS B 202 13.30 5.68 -4.18
N VAL B 203 12.14 5.32 -3.62
CA VAL B 203 12.03 4.84 -2.29
C VAL B 203 12.80 3.52 -2.17
N VAL B 204 13.64 3.41 -1.14
CA VAL B 204 14.45 2.20 -1.00
C VAL B 204 13.59 1.08 -0.43
N ASP B 205 13.69 -0.11 -1.03
CA ASP B 205 13.03 -1.29 -0.50
C ASP B 205 14.05 -2.42 -0.57
N GLY B 206 13.65 -3.64 -0.26
CA GLY B 206 14.53 -4.77 -0.48
C GLY B 206 13.79 -6.08 -0.57
N LEU B 207 14.49 -7.08 -1.10
CA LEU B 207 14.02 -8.48 -1.07
C LEU B 207 14.84 -9.23 -0.06
N GLU B 208 14.22 -10.16 0.64
CA GLU B 208 14.95 -11.07 1.51
C GLU B 208 14.97 -12.45 0.85
N LYS B 209 16.15 -13.05 0.79
CA LYS B 209 16.30 -14.44 0.37
C LYS B 209 16.61 -15.24 1.63
N ALA B 210 15.80 -16.24 1.93
CA ALA B 210 15.95 -17.06 3.11
C ALA B 210 15.87 -18.50 2.66
N ILE B 211 17.00 -19.21 2.81
CA ILE B 211 17.12 -20.59 2.31
C ILE B 211 16.90 -21.53 3.46
N TYR B 212 15.93 -22.41 3.33
CA TYR B 212 15.57 -23.32 4.42
C TYR B 212 16.62 -24.41 4.50
N GLN B 213 17.02 -24.76 5.72
CA GLN B 213 18.13 -25.71 5.93
C GLN B 213 17.66 -27.06 6.42
N GLY B 214 16.34 -27.27 6.54
CA GLY B 214 15.78 -28.51 7.09
C GLY B 214 15.30 -28.35 8.53
N PRO B 215 14.59 -29.23 9.09
MG MG C . 0.21 10.03 2.57
N SAM D . -3.71 10.25 6.94
CA SAM D . -3.05 9.14 7.65
C SAM D . -1.91 9.68 8.49
O SAM D . -1.23 10.60 8.01
OXT SAM D . -1.74 9.22 9.62
CB SAM D . -2.58 8.09 6.70
CG SAM D . -3.64 7.53 5.78
SD SAM D . -3.07 6.07 4.89
CE SAM D . -1.91 6.89 3.71
C5' SAM D . -4.43 5.83 3.65
C4' SAM D . -5.78 5.36 4.23
O4' SAM D . -6.87 5.59 3.36
C3' SAM D . -5.85 3.86 4.51
O3' SAM D . -6.07 3.69 5.89
C2' SAM D . -6.98 3.32 3.62
O2' SAM D . -7.65 2.19 4.16
C1' SAM D . -7.84 4.54 3.48
N9 SAM D . -8.65 4.62 2.26
C8 SAM D . -8.27 4.37 0.95
N7 SAM D . -9.26 4.70 0.13
C5 SAM D . -10.30 5.16 0.89
C6 SAM D . -11.59 5.61 0.57
N6 SAM D . -12.02 5.65 -0.68
N1 SAM D . -12.38 6.02 1.63
C2 SAM D . -11.96 5.97 2.92
N3 SAM D . -10.71 5.49 3.24
C4 SAM D . -9.92 5.11 2.21
O5 BIE E . 0.71 4.58 -1.87
C7 BIE E . 1.42 4.39 -0.88
C4 BIE E . 1.54 5.53 0.08
C5 BIE E . 2.85 6.01 0.38
C6 BIE E . 3.02 7.15 1.18
C3 BIE E . 0.41 6.24 0.51
N1 BIE E . -0.93 5.68 0.29
O4 BIE E . -0.90 4.44 0.30
O3 BIE E . -1.90 6.31 0.33
C2 BIE E . 0.56 7.41 1.30
O2 BIE E . -0.46 8.10 1.77
C1 BIE E . 1.82 7.88 1.67
O1 BIE E . 2.04 8.97 2.43
C8 BIE E . 2.28 3.22 -0.83
C9 BIE E . 2.70 2.63 -2.01
C13 BIE E . 2.72 2.75 0.43
C12 BIE E . 3.58 1.67 0.46
C11 BIE E . 3.99 1.05 -0.74
C10 BIE E . 3.54 1.56 -1.96
O6 BU3 F . -2.23 2.47 -5.25
C3 BU3 F . -1.64 3.10 -4.10
C4 BU3 F . -2.51 2.80 -2.88
C2 BU3 F . -1.44 4.60 -4.28
O5 BU3 F . -2.70 5.23 -4.59
C1 BU3 F . -0.45 4.97 -5.39
O6 BU3 G . -3.40 10.34 -10.91
C3 BU3 G . -3.67 9.06 -10.34
C4 BU3 G . -3.40 9.08 -8.83
C2 BU3 G . -2.81 7.91 -10.91
O5 BU3 G . -1.63 8.33 -11.61
C1 BU3 G . -3.59 6.97 -11.82
O1 MES H . -4.41 -1.84 -1.54
C2 MES H . -5.20 -2.88 -1.04
C3 MES H . -4.27 -3.82 -0.26
N4 MES H . -3.56 -3.19 0.86
C5 MES H . -2.92 -1.95 0.38
C6 MES H . -3.86 -1.11 -0.47
C7 MES H . -2.56 -4.17 1.34
C8 MES H . -1.85 -3.69 2.60
S MES H . -0.89 -4.90 3.58
O1S MES H . -0.19 -5.53 2.44
O2S MES H . -0.47 -6.11 4.35
O3S MES H . 0.03 -3.93 4.14
MG MG I . 5.31 -6.40 -3.43
N SAM J . 3.56 -10.66 -7.14
CA SAM J . 2.86 -9.69 -7.99
C SAM J . 3.80 -8.99 -8.95
O SAM J . 4.92 -8.68 -8.52
OXT SAM J . 3.41 -8.79 -10.10
CB SAM J . 2.18 -8.63 -7.15
CG SAM J . 1.23 -9.19 -6.07
SD SAM J . 0.26 -7.88 -5.29
CE SAM J . 1.54 -7.08 -4.32
C5' SAM J . -0.50 -8.73 -3.84
C4' SAM J . -1.58 -9.76 -4.20
O4' SAM J . -1.84 -10.73 -3.16
C3' SAM J . -2.96 -9.17 -4.49
O3' SAM J . -3.27 -9.45 -5.83
C2' SAM J . -3.91 -9.82 -3.48
O2' SAM J . -5.24 -9.95 -3.98
C1' SAM J . -3.24 -11.12 -3.17
N9 SAM J . -3.46 -11.70 -1.83
C8 SAM J . -3.41 -11.06 -0.61
N7 SAM J . -3.52 -11.97 0.37
C5 SAM J . -3.61 -13.18 -0.21
C6 SAM J . -3.78 -14.46 0.32
N6 SAM J . -3.82 -14.69 1.63
N1 SAM J . -3.82 -15.50 -0.57
C2 SAM J . -3.79 -15.32 -1.93
N3 SAM J . -3.68 -14.06 -2.45
C4 SAM J . -3.56 -13.03 -1.59
O5 BIE K . 0.73 -3.25 0.64
C7 BIE K . 0.82 -2.63 -0.40
C4 BIE K . 1.87 -3.08 -1.36
C5 BIE K . 2.77 -2.09 -1.81
C6 BIE K . 3.86 -2.49 -2.57
C3 BIE K . 2.08 -4.45 -1.59
N1 BIE K . 1.09 -5.41 -1.11
O4 BIE K . 0.01 -4.90 -0.92
O3 BIE K . 1.21 -6.55 -1.14
C2 BIE K . 3.21 -4.87 -2.37
O2 BIE K . 3.41 -6.16 -2.61
C1 BIE K . 4.09 -3.92 -2.86
O1 BIE K . 5.10 -4.33 -3.62
C8 BIE K . 0.25 -1.30 -0.46
C9 BIE K . 0.22 -0.60 0.76
C13 BIE K . -0.09 -0.75 -1.71
C12 BIE K . -0.57 0.55 -1.67
C11 BIE K . -0.63 1.28 -0.44
C10 BIE K . -0.24 0.70 0.76
O6 BU3 L . 2.54 7.34 -10.04
C3 BU3 L . 2.31 8.20 -11.18
C4 BU3 L . 1.85 7.36 -12.36
C2 BU3 L . 3.59 8.98 -11.47
O5 BU3 L . 3.91 9.80 -10.35
C1 BU3 L . 3.48 9.84 -12.71
#